data_4LJA
#
_entry.id   4LJA
#
_cell.length_a   74.800
_cell.length_b   74.800
_cell.length_c   119.500
_cell.angle_alpha   90.00
_cell.angle_beta   90.00
_cell.angle_gamma   120.00
#
_symmetry.space_group_name_H-M   'P 65'
#
loop_
_entity.id
_entity.type
_entity.pdbx_description
1 polymer 'Chaperone protein ClpB'
2 non-polymer 'PHOSPHOMETHYLPHOSPHONIC ACID ADENYLATE ESTER'
3 non-polymer 'MAGNESIUM ION'
4 non-polymer GUANIDINE
5 water water
#
_entity_poly.entity_id   1
_entity_poly.type   'polypeptide(L)'
_entity_poly.pdbx_seq_one_letter_code
;GSHMEVTEEDIAEIVSRWTGIPVSKLLEGEREKLLRLEEELHKRVVGQDEAIRAVADAIRRARAGLKDPNRPIGSFLFLG
PTGVGKTELAKTLAATLFDTEEAMIQIDMTEYMEKHAVSRLIGAPPGYVGYEEGGQLTEAVRRRPYSVILFDEIEKAHPD
VFNILLQILDDGRLTDSHGRTVDFRNTVIILTSNLGSPLILEGLQKGWPYERIRDEVFKVLQQHFRPEFLNRLDEIVVFR
PLTKEQIRQIVEIQLSYLRARLAEKRISLELTEAAKDFLAERGYDPVFGARPLRRVIQRELETPLAQKILAGEVKEGDRV
QVDVGPAGLVFAVPARVEA
;
_entity_poly.pdbx_strand_id   A
#
# COMPACT_ATOMS: atom_id res chain seq x y z
N HIS A 3 21.62 28.43 16.46
CA HIS A 3 20.33 29.20 16.31
C HIS A 3 19.13 28.26 16.43
N MET A 4 18.30 28.52 17.44
CA MET A 4 17.26 27.60 17.91
C MET A 4 15.82 27.92 17.49
N GLU A 5 15.57 29.18 17.13
CA GLU A 5 14.21 29.65 16.92
C GLU A 5 13.66 29.22 15.54
N VAL A 6 14.44 29.46 14.51
CA VAL A 6 14.10 29.04 13.14
C VAL A 6 14.68 27.64 12.91
N THR A 7 13.80 26.72 12.49
CA THR A 7 14.17 25.32 12.37
C THR A 7 14.48 24.92 10.92
N GLU A 8 15.03 23.72 10.78
CA GLU A 8 15.24 23.13 9.47
C GLU A 8 13.93 23.06 8.69
N GLU A 9 12.87 22.68 9.40
CA GLU A 9 11.53 22.53 8.81
C GLU A 9 10.98 23.88 8.31
N ASP A 10 11.23 24.94 9.06
CA ASP A 10 10.85 26.30 8.62
C ASP A 10 11.42 26.62 7.25
N ILE A 11 12.74 26.46 7.10
CA ILE A 11 13.41 26.81 5.85
C ILE A 11 13.02 25.89 4.70
N ALA A 12 12.85 24.60 4.98
CA ALA A 12 12.39 23.63 3.98
C ALA A 12 11.01 23.99 3.49
N GLU A 13 10.13 24.37 4.42
CA GLU A 13 8.78 24.78 4.09
C GLU A 13 8.75 25.96 3.10
N ILE A 14 9.60 26.98 3.31
CA ILE A 14 9.63 28.12 2.39
C ILE A 14 10.11 27.65 1.01
N VAL A 15 11.22 26.92 0.99
CA VAL A 15 11.78 26.36 -0.25
C VAL A 15 10.77 25.45 -0.97
N SER A 16 10.05 24.63 -0.21
CA SER A 16 9.03 23.73 -0.79
C SER A 16 7.91 24.53 -1.46
N ARG A 17 7.43 25.56 -0.80
CA ARG A 17 6.35 26.37 -1.37
C ARG A 17 6.81 27.10 -2.62
N TRP A 18 8.05 27.57 -2.60
CA TRP A 18 8.60 28.32 -3.73
C TRP A 18 8.96 27.45 -4.94
N THR A 19 9.28 26.17 -4.70
CA THR A 19 9.77 25.28 -5.77
C THR A 19 8.79 24.15 -6.18
N GLY A 20 7.93 23.74 -5.26
CA GLY A 20 7.07 22.57 -5.46
C GLY A 20 7.74 21.25 -5.07
N ILE A 21 8.96 21.32 -4.57
CA ILE A 21 9.68 20.12 -4.09
C ILE A 21 9.23 19.79 -2.67
N PRO A 22 8.73 18.56 -2.43
CA PRO A 22 8.24 18.21 -1.10
C PRO A 22 9.31 18.37 -0.02
N VAL A 23 8.86 18.75 1.17
CA VAL A 23 9.73 18.94 2.33
C VAL A 23 10.61 17.72 2.63
N SER A 24 10.00 16.54 2.66
CA SER A 24 10.72 15.28 2.95
C SER A 24 11.80 15.02 1.90
N LYS A 25 11.52 15.43 0.67
CA LYS A 25 12.48 15.34 -0.41
C LYS A 25 13.68 16.27 -0.21
N LEU A 26 13.43 17.50 0.26
CA LEU A 26 14.49 18.48 0.56
C LEU A 26 15.28 18.06 1.79
N LEU A 27 14.57 17.45 2.74
CA LEU A 27 15.16 17.02 4.00
C LEU A 27 15.50 15.51 3.99
N GLU A 28 15.62 14.92 2.80
CA GLU A 28 15.91 13.47 2.66
C GLU A 28 17.20 13.06 3.36
N GLY A 29 18.23 13.90 3.25
CA GLY A 29 19.55 13.68 3.86
C GLY A 29 19.57 13.67 5.38
N GLU A 30 18.81 14.56 6.01
CA GLU A 30 18.81 14.66 7.48
C GLU A 30 17.82 13.69 8.14
N LEU A 35 17.84 6.45 3.93
CA LEU A 35 18.74 6.53 5.08
C LEU A 35 18.41 5.39 6.05
N ARG A 36 17.38 5.59 6.87
CA ARG A 36 16.83 4.54 7.71
C ARG A 36 15.40 4.30 7.24
N LEU A 37 15.22 4.50 5.94
CA LEU A 37 13.91 4.37 5.27
C LEU A 37 13.16 3.08 5.57
N GLU A 38 13.88 1.96 5.68
CA GLU A 38 13.27 0.66 6.03
C GLU A 38 12.55 0.68 7.37
N GLU A 39 13.21 1.20 8.41
CA GLU A 39 12.60 1.30 9.75
C GLU A 39 11.39 2.23 9.73
N GLU A 40 11.46 3.29 8.92
CA GLU A 40 10.34 4.23 8.79
C GLU A 40 9.11 3.56 8.14
N LEU A 41 9.35 2.85 7.04
CA LEU A 41 8.30 2.10 6.36
C LEU A 41 7.71 1.01 7.27
N HIS A 42 8.56 0.37 8.06
CA HIS A 42 8.13 -0.67 9.02
C HIS A 42 7.24 -0.18 10.17
N LYS A 43 7.25 1.13 10.44
CA LYS A 43 6.32 1.72 11.40
C LYS A 43 4.87 1.41 11.01
N ARG A 44 4.59 1.36 9.71
CA ARG A 44 3.24 1.08 9.23
C ARG A 44 3.07 -0.26 8.55
N VAL A 45 4.14 -0.81 7.96
CA VAL A 45 4.04 -2.08 7.24
C VAL A 45 4.70 -3.22 8.01
N VAL A 46 3.87 -4.20 8.36
CA VAL A 46 4.31 -5.36 9.15
C VAL A 46 4.78 -6.42 8.16
N GLY A 47 5.96 -6.97 8.44
CA GLY A 47 6.56 -7.96 7.57
C GLY A 47 6.81 -7.41 6.18
N GLN A 48 6.69 -8.28 5.19
CA GLN A 48 7.08 -7.97 3.80
C GLN A 48 8.44 -7.25 3.77
N ASP A 49 9.39 -7.80 4.52
CA ASP A 49 10.74 -7.23 4.64
C ASP A 49 11.43 -7.14 3.29
N GLU A 50 11.20 -8.14 2.45
CA GLU A 50 11.77 -8.18 1.10
C GLU A 50 11.24 -7.04 0.23
N ALA A 51 9.93 -6.81 0.30
CA ALA A 51 9.31 -5.69 -0.41
C ALA A 51 9.90 -4.36 0.05
N ILE A 52 10.01 -4.19 1.36
CA ILE A 52 10.53 -2.96 1.91
C ILE A 52 11.98 -2.67 1.49
N ARG A 53 12.82 -3.72 1.50
CA ARG A 53 14.22 -3.56 1.13
C ARG A 53 14.37 -3.33 -0.37
N ALA A 54 13.51 -3.97 -1.18
CA ALA A 54 13.51 -3.73 -2.63
C ALA A 54 13.25 -2.25 -2.92
N VAL A 55 12.22 -1.69 -2.29
CA VAL A 55 11.85 -0.31 -2.54
C VAL A 55 12.94 0.67 -2.08
N ALA A 56 13.42 0.49 -0.85
CA ALA A 56 14.51 1.31 -0.29
C ALA A 56 15.82 1.23 -1.08
N ASP A 57 16.21 0.04 -1.49
CA ASP A 57 17.43 -0.15 -2.30
C ASP A 57 17.36 0.63 -3.61
N ALA A 58 16.20 0.57 -4.29
CA ALA A 58 16.00 1.31 -5.54
C ALA A 58 16.07 2.82 -5.28
N ILE A 59 15.41 3.30 -4.22
CA ILE A 59 15.48 4.70 -3.85
C ILE A 59 16.92 5.13 -3.59
N ARG A 60 17.67 4.31 -2.85
CA ARG A 60 19.10 4.61 -2.58
C ARG A 60 19.96 4.69 -3.85
N ARG A 61 19.75 3.77 -4.79
CA ARG A 61 20.49 3.76 -6.06
C ARG A 61 20.22 5.03 -6.89
N ALA A 62 18.95 5.44 -6.94
CA ALA A 62 18.55 6.68 -7.62
C ALA A 62 19.17 7.93 -6.98
N ARG A 63 18.98 8.09 -5.67
CA ARG A 63 19.52 9.26 -4.97
C ARG A 63 21.05 9.34 -5.03
N ALA A 64 21.71 8.19 -5.08
CA ALA A 64 23.18 8.14 -5.16
C ALA A 64 23.74 8.44 -6.56
N GLY A 65 22.85 8.60 -7.54
CA GLY A 65 23.27 8.98 -8.91
C GLY A 65 23.72 7.80 -9.77
N LEU A 66 23.21 6.61 -9.47
CA LEU A 66 23.62 5.39 -10.17
C LEU A 66 22.67 4.95 -11.27
N LYS A 67 21.52 5.59 -11.36
CA LYS A 67 20.49 5.18 -12.32
C LYS A 67 20.29 6.18 -13.46
N ASP A 68 19.59 5.74 -14.49
CA ASP A 68 19.27 6.56 -15.66
C ASP A 68 18.38 7.74 -15.21
N PRO A 69 18.85 8.99 -15.40
CA PRO A 69 18.07 10.16 -14.99
C PRO A 69 16.74 10.34 -15.72
N ASN A 70 16.61 9.74 -16.91
CA ASN A 70 15.38 9.86 -17.70
C ASN A 70 14.39 8.72 -17.50
N ARG A 71 14.40 8.15 -16.30
CA ARG A 71 13.48 7.09 -15.90
C ARG A 71 12.84 7.50 -14.57
N PRO A 72 11.70 6.87 -14.20
CA PRO A 72 11.19 7.09 -12.84
C PRO A 72 12.25 6.78 -11.80
N ILE A 73 12.03 7.27 -10.59
CA ILE A 73 12.85 6.97 -9.43
C ILE A 73 12.96 5.45 -9.23
N GLY A 74 11.84 4.76 -9.41
CA GLY A 74 11.78 3.32 -9.22
C GLY A 74 10.53 2.73 -9.83
N SER A 75 10.62 1.48 -10.26
CA SER A 75 9.46 0.76 -10.78
C SER A 75 9.46 -0.67 -10.25
N PHE A 76 8.29 -1.15 -9.81
CA PHE A 76 8.15 -2.45 -9.17
C PHE A 76 6.92 -3.18 -9.64
N LEU A 77 7.01 -4.50 -9.67
CA LEU A 77 5.81 -5.34 -9.75
C LEU A 77 5.67 -6.07 -8.43
N PHE A 78 4.51 -5.91 -7.80
CA PHE A 78 4.18 -6.58 -6.52
C PHE A 78 3.25 -7.77 -6.77
N LEU A 79 3.82 -8.98 -6.76
CA LEU A 79 3.05 -10.21 -6.95
C LEU A 79 2.69 -10.75 -5.56
N GLY A 80 2.00 -11.89 -5.50
CA GLY A 80 1.51 -12.44 -4.24
C GLY A 80 0.05 -12.08 -3.97
N PRO A 81 -0.52 -12.58 -2.86
CA PRO A 81 -1.95 -12.44 -2.61
C PRO A 81 -2.40 -11.03 -2.18
N THR A 82 -3.71 -10.82 -2.23
CA THR A 82 -4.36 -9.57 -1.83
C THR A 82 -4.45 -9.45 -0.29
N GLY A 83 -4.42 -8.22 0.18
CA GLY A 83 -4.73 -7.91 1.57
C GLY A 83 -3.59 -8.11 2.54
N VAL A 84 -2.37 -8.18 2.04
CA VAL A 84 -1.19 -8.44 2.89
C VAL A 84 -0.12 -7.34 2.84
N GLY A 85 -0.48 -6.19 2.27
CA GLY A 85 0.30 -4.96 2.46
C GLY A 85 0.73 -4.16 1.26
N LYS A 86 0.34 -4.57 0.05
CA LYS A 86 0.81 -3.91 -1.18
C LYS A 86 0.43 -2.41 -1.15
N THR A 87 -0.85 -2.12 -0.88
CA THR A 87 -1.29 -0.71 -0.82
C THR A 87 -0.80 0.01 0.43
N GLU A 88 -0.82 -0.67 1.58
CA GLU A 88 -0.26 -0.08 2.79
C GLU A 88 1.18 0.39 2.59
N LEU A 89 1.97 -0.39 1.87
CA LEU A 89 3.34 0.03 1.52
C LEU A 89 3.36 1.23 0.57
N ALA A 90 2.52 1.21 -0.46
CA ALA A 90 2.46 2.33 -1.41
C ALA A 90 2.06 3.65 -0.73
N LYS A 91 1.05 3.61 0.14
CA LYS A 91 0.61 4.78 0.90
C LYS A 91 1.69 5.29 1.86
N THR A 92 2.29 4.36 2.61
CA THR A 92 3.35 4.68 3.54
C THR A 92 4.54 5.32 2.81
N LEU A 93 4.90 4.76 1.67
CA LEU A 93 5.96 5.30 0.83
C LEU A 93 5.67 6.73 0.39
N ALA A 94 4.44 6.98 -0.05
CA ALA A 94 4.01 8.31 -0.46
C ALA A 94 4.10 9.31 0.69
N ALA A 95 3.57 8.95 1.86
CA ALA A 95 3.67 9.79 3.04
C ALA A 95 5.11 10.07 3.47
N THR A 96 6.00 9.07 3.34
CA THR A 96 7.38 9.19 3.81
C THR A 96 8.29 9.98 2.86
N LEU A 97 8.13 9.76 1.55
CA LEU A 97 8.95 10.41 0.54
C LEU A 97 8.42 11.80 0.19
N PHE A 98 7.09 11.93 0.20
CA PHE A 98 6.44 13.09 -0.41
C PHE A 98 5.48 13.81 0.52
N ASP A 99 5.74 13.74 1.83
CA ASP A 99 4.99 14.48 2.87
C ASP A 99 3.60 13.93 3.22
N THR A 100 2.90 13.34 2.25
CA THR A 100 1.48 12.96 2.45
C THR A 100 0.99 11.79 1.58
N GLU A 101 -0.06 11.12 2.06
CA GLU A 101 -0.72 10.02 1.36
C GLU A 101 -1.44 10.45 0.09
N GLU A 102 -1.74 11.75 0.04
CA GLU A 102 -2.34 12.42 -1.11
C GLU A 102 -1.44 12.32 -2.34
N ALA A 103 -0.17 12.04 -2.09
CA ALA A 103 0.82 11.90 -3.15
C ALA A 103 0.79 10.51 -3.78
N MET A 104 -0.07 9.62 -3.27
CA MET A 104 -0.36 8.35 -3.99
C MET A 104 -1.54 8.51 -4.95
N ILE A 105 -1.29 8.12 -6.21
CA ILE A 105 -2.30 8.15 -7.27
C ILE A 105 -2.62 6.70 -7.61
N GLN A 106 -3.89 6.33 -7.47
CA GLN A 106 -4.27 4.94 -7.69
C GLN A 106 -5.09 4.81 -8.97
N ILE A 107 -4.75 3.81 -9.77
CA ILE A 107 -5.41 3.56 -11.05
C ILE A 107 -5.77 2.09 -11.09
N ASP A 108 -7.08 1.82 -11.16
CA ASP A 108 -7.58 0.45 -11.10
C ASP A 108 -7.75 -0.05 -12.53
N MET A 109 -6.85 -0.95 -12.95
CA MET A 109 -6.83 -1.40 -14.35
C MET A 109 -8.09 -2.16 -14.80
N THR A 110 -8.87 -2.66 -13.84
CA THR A 110 -10.17 -3.26 -14.17
C THR A 110 -11.15 -2.24 -14.78
N GLU A 111 -10.85 -0.96 -14.61
CA GLU A 111 -11.66 0.09 -15.23
C GLU A 111 -11.07 0.51 -16.57
N TYR A 112 -9.98 -0.15 -16.98
CA TYR A 112 -9.26 0.22 -18.19
C TYR A 112 -9.10 -0.96 -19.16
N MET A 113 -10.14 -1.77 -19.27
CA MET A 113 -10.09 -3.02 -20.05
C MET A 113 -10.45 -2.88 -21.53
N GLU A 114 -11.28 -1.88 -21.84
CA GLU A 114 -11.75 -1.64 -23.22
C GLU A 114 -10.82 -0.71 -24.01
N LYS A 115 -10.90 -0.78 -25.33
CA LYS A 115 -9.99 -0.04 -26.22
C LYS A 115 -9.95 1.48 -25.99
N HIS A 116 -11.11 2.10 -25.79
CA HIS A 116 -11.18 3.56 -25.65
C HIS A 116 -10.81 4.12 -24.26
N ALA A 117 -10.39 3.24 -23.36
CA ALA A 117 -9.95 3.64 -22.03
C ALA A 117 -8.66 4.47 -22.04
N VAL A 118 -7.88 4.36 -23.11
CA VAL A 118 -6.65 5.16 -23.28
C VAL A 118 -6.92 6.65 -23.08
N SER A 119 -8.01 7.14 -23.68
CA SER A 119 -8.39 8.54 -23.57
C SER A 119 -8.72 8.94 -22.12
N ARG A 120 -9.17 7.98 -21.30
CA ARG A 120 -9.39 8.23 -19.87
C ARG A 120 -8.05 8.47 -19.16
N LEU A 121 -6.99 7.82 -19.64
CA LEU A 121 -5.65 7.95 -19.07
C LEU A 121 -4.93 9.24 -19.47
N ILE A 122 -4.88 9.50 -20.77
CA ILE A 122 -4.02 10.57 -21.31
C ILE A 122 -4.80 11.75 -21.91
N GLY A 123 -6.10 11.60 -22.09
CA GLY A 123 -6.94 12.64 -22.68
C GLY A 123 -7.64 12.16 -23.93
N ALA A 124 -8.82 12.72 -24.20
CA ALA A 124 -9.60 12.39 -25.39
C ALA A 124 -8.91 12.90 -26.67
N PRO A 125 -9.15 12.22 -27.82
CA PRO A 125 -8.71 12.74 -29.12
C PRO A 125 -9.40 14.06 -29.48
N PRO A 126 -8.62 15.02 -30.03
CA PRO A 126 -9.10 16.36 -30.41
C PRO A 126 -10.36 16.38 -31.27
N GLY A 134 -5.71 17.01 -21.17
CA GLY A 134 -5.19 15.84 -20.47
C GLY A 134 -6.28 15.01 -19.81
N GLY A 135 -5.93 13.77 -19.47
CA GLY A 135 -6.83 12.84 -18.80
C GLY A 135 -6.45 12.62 -17.35
N GLN A 136 -6.99 11.56 -16.74
CA GLN A 136 -6.85 11.30 -15.32
C GLN A 136 -5.38 11.32 -14.88
N LEU A 137 -4.61 10.37 -15.39
CA LEU A 137 -3.19 10.19 -15.06
C LEU A 137 -2.33 11.42 -15.37
N THR A 138 -2.38 11.89 -16.62
CA THR A 138 -1.50 12.97 -17.05
C THR A 138 -1.72 14.27 -16.27
N GLU A 139 -2.97 14.66 -16.08
CA GLU A 139 -3.28 15.86 -15.29
C GLU A 139 -2.90 15.67 -13.83
N ALA A 140 -3.15 14.49 -13.29
CA ALA A 140 -2.78 14.15 -11.91
C ALA A 140 -1.28 14.32 -11.67
N VAL A 141 -0.48 13.73 -12.57
CA VAL A 141 0.99 13.80 -12.47
C VAL A 141 1.52 15.19 -12.83
N ARG A 142 0.79 15.92 -13.67
CA ARG A 142 1.14 17.30 -14.00
C ARG A 142 1.15 18.21 -12.77
N ARG A 143 0.14 18.09 -11.91
CA ARG A 143 0.06 18.97 -10.75
C ARG A 143 0.85 18.42 -9.56
N ARG A 144 1.04 17.09 -9.55
CA ARG A 144 1.87 16.40 -8.55
C ARG A 144 2.96 15.51 -9.19
N PRO A 145 4.07 16.14 -9.67
CA PRO A 145 5.17 15.36 -10.24
C PRO A 145 5.84 14.43 -9.23
N TYR A 146 5.82 14.80 -7.95
CA TYR A 146 6.35 13.92 -6.91
C TYR A 146 5.22 13.05 -6.38
N SER A 147 5.06 11.87 -6.99
CA SER A 147 3.94 10.99 -6.67
C SER A 147 4.35 9.52 -6.75
N VAL A 148 3.67 8.69 -5.98
CA VAL A 148 3.74 7.23 -6.08
C VAL A 148 2.50 6.86 -6.88
N ILE A 149 2.72 6.23 -8.04
CA ILE A 149 1.59 5.84 -8.88
C ILE A 149 1.38 4.34 -8.78
N LEU A 150 0.20 3.95 -8.31
CA LEU A 150 -0.16 2.54 -8.11
C LEU A 150 -1.17 2.06 -9.18
N PHE A 151 -0.73 1.14 -10.05
CA PHE A 151 -1.60 0.52 -11.05
C PHE A 151 -2.01 -0.86 -10.56
N ASP A 152 -3.28 -1.03 -10.19
CA ASP A 152 -3.76 -2.31 -9.66
C ASP A 152 -4.26 -3.27 -10.75
N GLU A 153 -3.95 -4.56 -10.59
CA GLU A 153 -4.35 -5.62 -11.53
C GLU A 153 -3.91 -5.32 -12.94
N ILE A 154 -2.61 -5.05 -13.08
CA ILE A 154 -2.03 -4.60 -14.35
C ILE A 154 -2.34 -5.50 -15.56
N GLU A 155 -2.50 -6.81 -15.33
CA GLU A 155 -2.73 -7.76 -16.43
C GLU A 155 -4.10 -7.57 -17.10
N LYS A 156 -5.00 -6.87 -16.41
CA LYS A 156 -6.33 -6.58 -16.96
C LYS A 156 -6.39 -5.39 -17.93
N ALA A 157 -5.35 -4.57 -17.94
CA ALA A 157 -5.31 -3.38 -18.81
C ALA A 157 -5.41 -3.77 -20.29
N HIS A 158 -6.17 -3.00 -21.07
CA HIS A 158 -6.14 -3.16 -22.53
C HIS A 158 -4.70 -2.99 -23.01
N PRO A 159 -4.29 -3.74 -24.07
CA PRO A 159 -2.93 -3.58 -24.61
C PRO A 159 -2.56 -2.13 -24.87
N ASP A 160 -3.50 -1.33 -25.40
CA ASP A 160 -3.23 0.08 -25.70
C ASP A 160 -2.91 0.88 -24.42
N VAL A 161 -3.57 0.53 -23.32
CA VAL A 161 -3.30 1.13 -22.01
C VAL A 161 -1.95 0.67 -21.48
N PHE A 162 -1.70 -0.63 -21.60
CA PHE A 162 -0.43 -1.23 -21.17
C PHE A 162 0.77 -0.57 -21.85
N ASN A 163 0.64 -0.25 -23.14
CA ASN A 163 1.72 0.41 -23.89
C ASN A 163 2.13 1.77 -23.35
N ILE A 164 1.16 2.50 -22.79
CA ILE A 164 1.39 3.83 -22.22
C ILE A 164 2.24 3.77 -20.95
N LEU A 165 2.02 2.72 -20.15
CA LEU A 165 2.89 2.42 -19.02
C LEU A 165 4.33 2.17 -19.46
N LEU A 166 4.50 1.43 -20.56
CA LEU A 166 5.83 1.15 -21.09
C LEU A 166 6.59 2.44 -21.45
N GLN A 167 5.87 3.42 -21.97
CA GLN A 167 6.44 4.74 -22.28
C GLN A 167 6.98 5.44 -21.01
N ILE A 168 6.22 5.34 -19.91
CA ILE A 168 6.66 5.90 -18.63
C ILE A 168 7.95 5.25 -18.16
N LEU A 169 7.97 3.93 -18.15
CA LEU A 169 9.17 3.16 -17.78
C LEU A 169 10.37 3.47 -18.69
N ASP A 170 10.15 3.53 -19.99
CA ASP A 170 11.22 3.77 -20.97
C ASP A 170 11.76 5.22 -20.99
N ASP A 171 10.85 6.20 -21.01
CA ASP A 171 11.20 7.60 -21.28
C ASP A 171 11.16 8.51 -20.06
N GLY A 172 10.51 8.06 -18.99
CA GLY A 172 10.32 8.86 -17.79
C GLY A 172 9.42 10.06 -18.02
N ARG A 173 8.48 9.93 -18.97
CA ARG A 173 7.56 11.00 -19.35
C ARG A 173 6.44 10.53 -20.29
N LEU A 174 5.36 11.31 -20.34
CA LEU A 174 4.27 11.06 -21.28
C LEU A 174 3.85 12.33 -22.00
N THR A 175 3.50 12.19 -23.28
CA THR A 175 2.83 13.23 -24.04
C THR A 175 1.32 13.02 -23.93
N ASP A 176 0.60 14.07 -23.53
CA ASP A 176 -0.86 13.98 -23.43
C ASP A 176 -1.49 14.24 -24.80
N SER A 177 -2.82 14.18 -24.87
CA SER A 177 -3.56 14.29 -26.13
C SER A 177 -3.59 15.69 -26.78
N HIS A 178 -2.88 16.65 -26.18
CA HIS A 178 -2.75 17.99 -26.74
C HIS A 178 -1.38 18.22 -27.37
N GLY A 179 -0.37 17.50 -26.88
CA GLY A 179 1.01 17.61 -27.36
C GLY A 179 2.02 18.04 -26.31
N ARG A 180 1.61 18.08 -25.05
CA ARG A 180 2.49 18.53 -23.96
C ARG A 180 3.08 17.35 -23.21
N THR A 181 4.38 17.43 -22.92
CA THR A 181 5.08 16.36 -22.18
C THR A 181 4.93 16.52 -20.67
N VAL A 182 4.46 15.46 -20.03
CA VAL A 182 4.29 15.39 -18.59
C VAL A 182 5.45 14.60 -18.00
N ASP A 183 6.12 15.19 -17.02
CA ASP A 183 7.33 14.61 -16.42
C ASP A 183 7.05 13.56 -15.34
N PHE A 184 7.64 12.38 -15.52
CA PHE A 184 7.52 11.28 -14.55
C PHE A 184 8.83 10.90 -13.85
N ARG A 185 9.89 11.66 -14.08
CA ARG A 185 11.21 11.35 -13.48
C ARG A 185 11.21 11.32 -11.96
N ASN A 186 10.28 12.05 -11.34
CA ASN A 186 10.17 12.09 -9.88
C ASN A 186 9.10 11.19 -9.27
N THR A 187 8.52 10.31 -10.09
CA THR A 187 7.53 9.34 -9.60
C THR A 187 8.16 8.01 -9.20
N VAL A 188 7.44 7.27 -8.37
CA VAL A 188 7.70 5.85 -8.15
C VAL A 188 6.52 5.09 -8.73
N ILE A 189 6.81 4.04 -9.50
CA ILE A 189 5.77 3.23 -10.16
C ILE A 189 5.60 1.88 -9.46
N ILE A 190 4.37 1.60 -9.01
CA ILE A 190 4.10 0.33 -8.37
C ILE A 190 2.94 -0.34 -9.10
N LEU A 191 3.21 -1.53 -9.64
CA LEU A 191 2.21 -2.30 -10.36
C LEU A 191 1.85 -3.49 -9.51
N THR A 192 0.58 -3.84 -9.45
CA THR A 192 0.19 -5.01 -8.67
C THR A 192 -0.55 -6.06 -9.50
N SER A 193 -0.45 -7.29 -9.05
CA SER A 193 -1.21 -8.40 -9.63
C SER A 193 -1.25 -9.49 -8.58
N ASN A 194 -2.41 -10.12 -8.47
CA ASN A 194 -2.49 -11.28 -7.59
CA ASN A 194 -2.69 -11.28 -7.64
C ASN A 194 -2.49 -12.59 -8.40
N LEU A 195 -2.13 -12.49 -9.70
CA LEU A 195 -2.10 -13.66 -10.61
C LEU A 195 -1.34 -14.80 -9.97
N GLY A 196 -1.90 -16.00 -10.05
CA GLY A 196 -1.29 -17.19 -9.44
C GLY A 196 -1.94 -17.56 -8.11
N SER A 197 -2.34 -16.54 -7.34
CA SER A 197 -2.93 -16.78 -6.00
C SER A 197 -4.28 -17.54 -5.98
N PRO A 198 -5.26 -17.15 -6.82
CA PRO A 198 -6.49 -17.97 -6.86
C PRO A 198 -6.22 -19.40 -7.40
N LEU A 199 -5.31 -19.52 -8.37
CA LEU A 199 -4.91 -20.81 -8.92
C LEU A 199 -4.39 -21.75 -7.82
N ILE A 200 -3.52 -21.22 -6.96
CA ILE A 200 -3.00 -21.98 -5.83
C ILE A 200 -4.15 -22.47 -4.91
N LEU A 201 -5.05 -21.56 -4.58
CA LEU A 201 -6.22 -21.89 -3.77
C LEU A 201 -7.12 -22.94 -4.43
N GLU A 202 -7.28 -22.85 -5.76
CA GLU A 202 -8.03 -23.86 -6.52
C GLU A 202 -7.38 -25.24 -6.43
N GLY A 203 -6.07 -25.29 -6.62
CA GLY A 203 -5.31 -26.54 -6.58
C GLY A 203 -5.26 -27.17 -5.20
N LEU A 204 -5.20 -26.34 -4.16
CA LEU A 204 -5.21 -26.85 -2.79
C LEU A 204 -6.57 -27.38 -2.36
N GLN A 205 -7.63 -26.77 -2.90
CA GLN A 205 -8.99 -27.23 -2.62
C GLN A 205 -9.34 -28.49 -3.40
N LYS A 206 -8.88 -28.58 -4.65
CA LYS A 206 -9.14 -29.74 -5.50
C LYS A 206 -8.12 -30.87 -5.28
N GLY A 207 -7.07 -30.58 -4.51
CA GLY A 207 -6.07 -31.58 -4.18
C GLY A 207 -5.13 -31.95 -5.31
N TRP A 208 -4.61 -30.95 -6.03
CA TRP A 208 -3.56 -31.18 -7.01
C TRP A 208 -2.23 -31.38 -6.29
N PRO A 209 -1.33 -32.21 -6.86
CA PRO A 209 0.00 -32.34 -6.27
C PRO A 209 0.78 -31.04 -6.45
N TYR A 210 1.70 -30.76 -5.53
CA TYR A 210 2.42 -29.48 -5.55
C TYR A 210 2.92 -29.16 -6.95
N GLU A 211 3.37 -30.20 -7.64
CA GLU A 211 3.96 -30.13 -8.98
C GLU A 211 3.06 -29.50 -10.02
N ARG A 212 1.78 -29.88 -10.01
CA ARG A 212 0.82 -29.32 -10.96
C ARG A 212 0.50 -27.86 -10.63
N ILE A 213 0.34 -27.56 -9.33
CA ILE A 213 0.12 -26.18 -8.87
C ILE A 213 1.23 -25.24 -9.32
N ARG A 214 2.49 -25.66 -9.08
CA ARG A 214 3.64 -24.83 -9.47
C ARG A 214 3.75 -24.64 -11.00
N ASP A 215 3.55 -25.73 -11.75
CA ASP A 215 3.54 -25.66 -13.22
C ASP A 215 2.50 -24.66 -13.76
N GLU A 216 1.28 -24.74 -13.23
CA GLU A 216 0.18 -23.87 -13.67
C GLU A 216 0.43 -22.40 -13.36
N VAL A 217 1.03 -22.13 -12.21
CA VAL A 217 1.38 -20.77 -11.80
C VAL A 217 2.40 -20.18 -12.77
N PHE A 218 3.45 -20.95 -13.06
CA PHE A 218 4.46 -20.52 -14.01
C PHE A 218 3.84 -20.24 -15.38
N LYS A 219 2.88 -21.09 -15.79
CA LYS A 219 2.18 -20.91 -17.07
C LYS A 219 1.42 -19.59 -17.18
N VAL A 220 0.63 -19.24 -16.15
CA VAL A 220 -0.17 -18.01 -16.22
C VAL A 220 0.70 -16.75 -16.14
N LEU A 221 1.75 -16.82 -15.33
CA LEU A 221 2.75 -15.75 -15.28
C LEU A 221 3.43 -15.51 -16.64
N GLN A 222 3.84 -16.59 -17.30
CA GLN A 222 4.47 -16.51 -18.63
C GLN A 222 3.50 -16.02 -19.71
N GLN A 223 2.21 -16.29 -19.51
CA GLN A 223 1.17 -15.88 -20.46
C GLN A 223 0.96 -14.36 -20.43
N HIS A 224 0.94 -13.79 -19.22
CA HIS A 224 0.59 -12.38 -19.02
C HIS A 224 1.79 -11.42 -18.98
N PHE A 225 2.93 -11.93 -18.53
CA PHE A 225 4.10 -11.09 -18.30
C PHE A 225 5.28 -11.55 -19.15
N ARG A 226 5.66 -10.70 -20.10
CA ARG A 226 6.75 -11.05 -21.02
C ARG A 226 8.06 -10.52 -20.44
N PRO A 227 9.19 -11.20 -20.75
CA PRO A 227 10.49 -10.74 -20.25
C PRO A 227 10.81 -9.27 -20.60
N GLU A 228 10.40 -8.83 -21.79
CA GLU A 228 10.66 -7.44 -22.23
C GLU A 228 10.00 -6.42 -21.29
N PHE A 229 8.84 -6.76 -20.75
CA PHE A 229 8.22 -5.94 -19.73
C PHE A 229 8.96 -6.05 -18.37
N LEU A 230 9.09 -7.27 -17.89
CA LEU A 230 9.72 -7.51 -16.58
C LEU A 230 11.12 -6.90 -16.49
N ASN A 231 11.90 -7.01 -17.56
CA ASN A 231 13.28 -6.46 -17.62
C ASN A 231 13.37 -4.95 -17.35
N ARG A 232 12.26 -4.23 -17.59
CA ARG A 232 12.25 -2.78 -17.39
C ARG A 232 12.18 -2.39 -15.92
N LEU A 233 11.70 -3.31 -15.07
CA LEU A 233 11.43 -3.01 -13.66
C LEU A 233 12.68 -3.09 -12.79
N ASP A 234 12.75 -2.22 -11.78
CA ASP A 234 13.75 -2.33 -10.74
C ASP A 234 13.71 -3.67 -10.05
N GLU A 235 12.52 -4.09 -9.60
CA GLU A 235 12.40 -5.40 -8.97
C GLU A 235 11.01 -5.97 -9.11
N ILE A 236 10.96 -7.29 -9.11
CA ILE A 236 9.71 -8.00 -8.99
C ILE A 236 9.74 -8.55 -7.57
N VAL A 237 8.69 -8.26 -6.80
CA VAL A 237 8.60 -8.69 -5.40
C VAL A 237 7.37 -9.55 -5.19
N VAL A 238 7.56 -10.70 -4.53
CA VAL A 238 6.45 -11.57 -4.22
C VAL A 238 6.08 -11.35 -2.74
N PHE A 239 4.93 -10.70 -2.51
CA PHE A 239 4.39 -10.56 -1.14
C PHE A 239 3.99 -11.92 -0.61
N ARG A 240 4.22 -12.13 0.69
CA ARG A 240 3.94 -13.40 1.36
C ARG A 240 2.66 -13.34 2.21
N PRO A 241 1.96 -14.50 2.35
CA PRO A 241 0.91 -14.59 3.38
C PRO A 241 1.48 -14.20 4.75
N LEU A 242 0.62 -13.69 5.62
CA LEU A 242 1.07 -13.20 6.94
C LEU A 242 1.02 -14.32 7.97
N THR A 243 2.03 -14.36 8.84
CA THR A 243 2.07 -15.33 9.94
C THR A 243 1.11 -14.85 11.03
N LYS A 244 0.79 -15.73 11.97
CA LYS A 244 -0.10 -15.38 13.07
C LYS A 244 0.39 -14.19 13.90
N GLU A 245 1.70 -14.13 14.13
CA GLU A 245 2.31 -13.03 14.89
C GLU A 245 2.20 -11.71 14.14
N GLN A 246 2.43 -11.75 12.83
CA GLN A 246 2.31 -10.55 12.02
C GLN A 246 0.88 -10.00 12.05
N ILE A 247 -0.11 -10.88 12.00
CA ILE A 247 -1.53 -10.46 12.07
C ILE A 247 -1.83 -9.82 13.43
N ARG A 248 -1.26 -10.38 14.49
CA ARG A 248 -1.41 -9.79 15.83
C ARG A 248 -0.86 -8.36 15.88
N GLN A 249 0.32 -8.14 15.28
CA GLN A 249 0.90 -6.79 15.22
C GLN A 249 0.02 -5.79 14.44
N ILE A 250 -0.66 -6.29 13.40
CA ILE A 250 -1.56 -5.48 12.58
C ILE A 250 -2.81 -5.14 13.41
N VAL A 251 -3.33 -6.12 14.15
CA VAL A 251 -4.43 -5.85 15.11
C VAL A 251 -4.08 -4.63 15.98
N GLU A 252 -2.89 -4.61 16.57
CA GLU A 252 -2.46 -3.48 17.40
C GLU A 252 -2.45 -2.16 16.65
N ILE A 253 -1.89 -2.15 15.43
CA ILE A 253 -1.90 -0.93 14.61
C ILE A 253 -3.34 -0.46 14.35
N GLN A 254 -4.21 -1.39 13.96
CA GLN A 254 -5.61 -1.05 13.64
C GLN A 254 -6.42 -0.60 14.85
N LEU A 255 -5.85 -0.75 16.05
CA LEU A 255 -6.51 -0.32 17.30
C LEU A 255 -6.04 1.05 17.78
N SER A 256 -5.02 1.61 17.11
CA SER A 256 -4.40 2.87 17.54
C SER A 256 -5.39 4.02 17.59
N TYR A 257 -6.17 4.18 16.52
CA TYR A 257 -7.14 5.27 16.45
C TYR A 257 -8.19 5.13 17.54
N LEU A 258 -8.74 3.92 17.69
CA LEU A 258 -9.67 3.64 18.77
C LEU A 258 -9.07 4.02 20.13
N ARG A 259 -7.86 3.54 20.39
CA ARG A 259 -7.16 3.82 21.66
C ARG A 259 -7.02 5.32 21.90
N ALA A 260 -6.68 6.06 20.84
CA ALA A 260 -6.55 7.50 20.91
C ALA A 260 -7.87 8.19 21.28
N ARG A 261 -8.97 7.73 20.69
CA ARG A 261 -10.29 8.26 21.00
C ARG A 261 -10.68 7.97 22.46
N LEU A 262 -10.46 6.74 22.93
CA LEU A 262 -10.71 6.37 24.32
C LEU A 262 -9.83 7.15 25.32
N ALA A 263 -8.60 7.45 24.91
CA ALA A 263 -7.64 8.19 25.75
C ALA A 263 -8.12 9.60 26.10
N GLU A 264 -8.90 10.21 25.21
CA GLU A 264 -9.51 11.52 25.49
C GLU A 264 -10.41 11.49 26.74
N LYS A 265 -10.98 10.32 27.03
CA LYS A 265 -11.81 10.16 28.21
C LYS A 265 -11.06 9.36 29.30
N ARG A 266 -9.74 9.33 29.18
CA ARG A 266 -8.86 8.58 30.08
C ARG A 266 -9.31 7.12 30.26
N ILE A 267 -9.88 6.56 29.19
CA ILE A 267 -10.22 5.14 29.15
C ILE A 267 -9.09 4.40 28.44
N SER A 268 -8.70 3.26 28.99
CA SER A 268 -7.69 2.43 28.37
C SER A 268 -8.22 1.01 28.16
N LEU A 269 -7.67 0.36 27.15
CA LEU A 269 -8.12 -0.96 26.76
C LEU A 269 -6.99 -1.96 26.96
N GLU A 270 -7.23 -2.97 27.79
CA GLU A 270 -6.25 -4.03 28.05
C GLU A 270 -6.77 -5.38 27.56
N LEU A 271 -6.35 -5.77 26.35
CA LEU A 271 -6.75 -7.03 25.74
C LEU A 271 -5.90 -8.21 26.22
N THR A 272 -6.56 -9.28 26.67
CA THR A 272 -5.86 -10.54 26.92
C THR A 272 -5.35 -11.10 25.58
N GLU A 273 -4.49 -12.11 25.66
CA GLU A 273 -3.89 -12.75 24.48
C GLU A 273 -4.94 -13.49 23.66
N ALA A 274 -5.92 -14.07 24.35
CA ALA A 274 -7.04 -14.77 23.72
C ALA A 274 -7.91 -13.80 22.92
N ALA A 275 -8.03 -12.56 23.40
CA ALA A 275 -8.81 -11.52 22.74
C ALA A 275 -8.15 -11.02 21.47
N LYS A 276 -6.83 -10.83 21.53
CA LYS A 276 -6.08 -10.44 20.35
C LYS A 276 -6.13 -11.54 19.28
N ASP A 277 -6.05 -12.80 19.71
CA ASP A 277 -6.11 -13.95 18.78
C ASP A 277 -7.50 -14.10 18.13
N PHE A 278 -8.54 -13.82 18.92
CA PHE A 278 -9.94 -13.79 18.49
C PHE A 278 -10.15 -12.87 17.28
N LEU A 279 -9.67 -11.63 17.41
CA LEU A 279 -9.75 -10.64 16.34
C LEU A 279 -8.86 -11.05 15.16
N ALA A 280 -7.63 -11.49 15.46
CA ALA A 280 -6.72 -11.96 14.41
C ALA A 280 -7.29 -13.11 13.59
N GLU A 281 -7.95 -14.06 14.25
CA GLU A 281 -8.53 -15.24 13.60
C GLU A 281 -9.72 -14.91 12.68
N ARG A 282 -10.55 -13.95 13.09
CA ARG A 282 -11.69 -13.57 12.27
C ARG A 282 -11.34 -12.54 11.19
N GLY A 283 -10.28 -11.76 11.44
CA GLY A 283 -9.95 -10.62 10.58
C GLY A 283 -9.03 -10.93 9.41
N TYR A 284 -8.66 -12.20 9.25
CA TYR A 284 -7.72 -12.62 8.20
C TYR A 284 -8.07 -13.99 7.63
N ASP A 285 -8.03 -14.10 6.30
CA ASP A 285 -8.10 -15.39 5.63
C ASP A 285 -7.26 -15.35 4.35
N PRO A 286 -6.97 -16.52 3.75
CA PRO A 286 -6.17 -16.55 2.49
C PRO A 286 -6.82 -15.83 1.31
N VAL A 287 -8.14 -15.73 1.30
CA VAL A 287 -8.88 -15.15 0.17
C VAL A 287 -8.78 -13.61 0.18
N PHE A 288 -9.02 -12.99 1.34
CA PHE A 288 -9.02 -11.54 1.43
C PHE A 288 -7.86 -10.92 2.21
N GLY A 289 -6.90 -11.75 2.64
CA GLY A 289 -5.83 -11.23 3.50
C GLY A 289 -6.42 -10.63 4.76
N ALA A 290 -5.85 -9.51 5.19
CA ALA A 290 -6.33 -8.78 6.38
C ALA A 290 -7.40 -7.72 6.10
N ARG A 291 -7.90 -7.68 4.87
CA ARG A 291 -8.98 -6.76 4.50
C ARG A 291 -10.22 -6.83 5.39
N PRO A 292 -10.59 -8.05 5.88
CA PRO A 292 -11.75 -8.14 6.76
C PRO A 292 -11.57 -7.59 8.18
N LEU A 293 -10.34 -7.28 8.56
CA LEU A 293 -10.05 -6.99 9.97
C LEU A 293 -10.73 -5.71 10.48
N ARG A 294 -10.77 -4.67 9.65
CA ARG A 294 -11.42 -3.43 10.05
C ARG A 294 -12.85 -3.65 10.58
N ARG A 295 -13.69 -4.29 9.76
CA ARG A 295 -15.08 -4.49 10.15
C ARG A 295 -15.26 -5.56 11.25
N VAL A 296 -14.28 -6.46 11.39
CA VAL A 296 -14.26 -7.36 12.54
C VAL A 296 -14.04 -6.58 13.84
N ILE A 297 -13.06 -5.67 13.86
CA ILE A 297 -12.81 -4.82 15.05
C ILE A 297 -14.04 -3.94 15.36
N GLN A 298 -14.60 -3.33 14.32
CA GLN A 298 -15.83 -2.53 14.47
C GLN A 298 -16.97 -3.33 15.10
N ARG A 299 -17.24 -4.53 14.59
CA ARG A 299 -18.39 -5.32 15.07
C ARG A 299 -18.09 -6.04 16.40
N GLU A 300 -16.90 -6.60 16.54
CA GLU A 300 -16.60 -7.43 17.73
C GLU A 300 -16.17 -6.63 18.96
N LEU A 301 -15.59 -5.46 18.75
CA LEU A 301 -15.02 -4.67 19.85
C LEU A 301 -15.68 -3.29 19.98
N GLU A 302 -15.65 -2.49 18.92
CA GLU A 302 -16.21 -1.13 18.99
C GLU A 302 -17.69 -1.06 19.37
N THR A 303 -18.51 -1.90 18.75
CA THR A 303 -19.95 -1.90 19.02
C THR A 303 -20.30 -2.28 20.47
N PRO A 304 -19.84 -3.45 20.97
CA PRO A 304 -20.23 -3.71 22.38
C PRO A 304 -19.55 -2.77 23.38
N LEU A 305 -18.40 -2.21 23.02
CA LEU A 305 -17.75 -1.21 23.86
C LEU A 305 -18.60 0.07 23.90
N ALA A 306 -19.16 0.45 22.75
CA ALA A 306 -20.07 1.60 22.63
C ALA A 306 -21.28 1.47 23.57
N GLN A 307 -21.93 0.31 23.55
CA GLN A 307 -23.04 0.00 24.44
C GLN A 307 -22.68 0.19 25.92
N LYS A 308 -21.52 -0.33 26.33
CA LYS A 308 -21.04 -0.21 27.72
C LYS A 308 -20.83 1.24 28.13
N ILE A 309 -20.24 2.04 27.23
CA ILE A 309 -20.00 3.46 27.49
C ILE A 309 -21.32 4.21 27.66
N LEU A 310 -22.25 3.96 26.72
CA LEU A 310 -23.58 4.58 26.79
C LEU A 310 -24.38 4.13 28.01
N ALA A 311 -24.11 2.92 28.49
CA ALA A 311 -24.81 2.37 29.66
C ALA A 311 -24.17 2.82 30.97
N GLY A 312 -23.05 3.52 30.90
CA GLY A 312 -22.36 3.99 32.11
C GLY A 312 -21.54 2.90 32.79
N GLU A 313 -21.52 1.73 32.18
CA GLU A 313 -20.74 0.59 32.69
C GLU A 313 -19.24 0.81 32.49
N VAL A 314 -18.89 1.52 31.41
CA VAL A 314 -17.52 1.98 31.18
C VAL A 314 -17.50 3.49 31.35
N LYS A 315 -16.69 3.95 32.31
CA LYS A 315 -16.63 5.35 32.71
C LYS A 315 -15.29 5.96 32.33
N GLU A 316 -15.27 7.29 32.26
CA GLU A 316 -14.05 8.07 32.17
C GLU A 316 -13.09 7.67 33.29
N GLY A 317 -11.84 7.39 32.94
CA GLY A 317 -10.82 7.00 33.91
C GLY A 317 -10.56 5.50 33.99
N ASP A 318 -11.52 4.71 33.48
CA ASP A 318 -11.48 3.25 33.58
C ASP A 318 -10.41 2.59 32.72
N ARG A 319 -9.78 1.58 33.28
CA ARG A 319 -9.04 0.59 32.51
C ARG A 319 -9.98 -0.61 32.26
N VAL A 320 -10.13 -0.97 30.99
CA VAL A 320 -11.06 -2.02 30.60
C VAL A 320 -10.29 -3.26 30.12
N GLN A 321 -10.50 -4.38 30.80
CA GLN A 321 -9.98 -5.66 30.35
C GLN A 321 -10.92 -6.32 29.34
N VAL A 322 -10.38 -6.64 28.18
CA VAL A 322 -11.14 -7.29 27.12
C VAL A 322 -10.66 -8.74 27.00
N ASP A 323 -11.60 -9.66 27.15
CA ASP A 323 -11.30 -11.09 27.12
C ASP A 323 -12.23 -11.80 26.12
N VAL A 324 -12.06 -13.10 25.97
CA VAL A 324 -12.96 -13.94 25.19
C VAL A 324 -13.99 -14.59 26.11
N GLY A 325 -15.27 -14.32 25.84
CA GLY A 325 -16.36 -14.98 26.56
C GLY A 325 -17.01 -16.01 25.66
N PRO A 326 -18.16 -16.56 26.09
CA PRO A 326 -18.88 -17.53 25.26
C PRO A 326 -19.37 -16.90 23.95
N ALA A 327 -19.97 -15.72 24.02
CA ALA A 327 -20.63 -15.07 22.87
C ALA A 327 -19.73 -14.10 22.07
N GLY A 328 -18.43 -14.12 22.36
CA GLY A 328 -17.49 -13.21 21.71
C GLY A 328 -16.69 -12.53 22.79
N LEU A 329 -16.26 -11.29 22.54
CA LEU A 329 -15.47 -10.55 23.53
C LEU A 329 -16.28 -10.13 24.76
N VAL A 330 -15.61 -10.07 25.91
CA VAL A 330 -16.23 -9.64 27.16
C VAL A 330 -15.42 -8.53 27.81
N PHE A 331 -16.12 -7.63 28.50
CA PHE A 331 -15.48 -6.46 29.07
C PHE A 331 -15.65 -6.42 30.59
N ALA A 332 -14.53 -6.25 31.28
CA ALA A 332 -14.51 -6.16 32.75
C ALA A 332 -13.74 -4.92 33.21
N VAL A 333 -14.24 -4.30 34.27
CA VAL A 333 -13.64 -3.09 34.86
C VAL A 333 -13.16 -3.32 36.30
N PRO A 334 -11.84 -3.30 36.52
CA PRO A 334 -11.24 -3.44 37.86
C PRO A 334 -11.73 -2.38 38.85
#